data_7O1O
#
_entry.id   7O1O
#
_cell.length_a   63.420
_cell.length_b   81.760
_cell.length_c   70.420
_cell.angle_alpha   90.000
_cell.angle_beta   90.000
_cell.angle_gamma   90.000
#
_symmetry.space_group_name_H-M   'P 21 21 2'
#
loop_
_entity.id
_entity.type
_entity.pdbx_description
1 polymer '[FeFe] hydrogenase maturase subunit HydE'
2 non-polymer CYSTEINE
3 non-polymer 'FE (II) ION'
4 non-polymer 'CARBON MONOXIDE'
5 non-polymer 'CYANIDE ION'
6 non-polymer 'PYRUVIC ACID'
7 non-polymer GLYCEROL
8 non-polymer S-ADENOSYL-L-HOMOCYSTEINE
9 non-polymer 'PHOSPHATE ION'
10 non-polymer 'CHLORIDE ION'
11 non-polymer 'IRON/SULFUR CLUSTER'
12 water water
#
_entity_poly.entity_id   1
_entity_poly.type   'polypeptide(L)'
_entity_poly.pdbx_seq_one_letter_code
;MWSHPQFEKASTGREILEKLERREFTREVLKEALSINDRGFNEALFKLADEIRRKYVGDEVHIRAIIEFSNVCRKNCLYC
GLRRDNKNLKRYRMTPEEIVERARLAVQFGAKTIVLQSGEDPYYMPDVISDIVKEIKKMGVAVTLSLGEWPREYYEKWKE
AGADRYLLRHETANPVLHRKLRPDTSFENRLNCLLTLKELGYETGAGSMVGLPGQTIDDLVDDLLFLKEHDFDMVGIGPF
IPHPDTPLANEKKGDFTLTLKMVALTRILLPDSNIPATTAMGTIVPGGREITLRCGANVIMPNWTPSPYRQLYQLYPGKI
SVFEKDTASIPSVMKMIELLGRKPGRDWGGRKRVFTV
;
_entity_poly.pdbx_strand_id   A
#
loop_
_chem_comp.id
_chem_comp.type
_chem_comp.name
_chem_comp.formula
CL non-polymer 'CHLORIDE ION' 'Cl -1'
CMO non-polymer 'CARBON MONOXIDE' 'C O'
CYN non-polymer 'CYANIDE ION' 'C N -1'
FE2 non-polymer 'FE (II) ION' 'Fe 2'
GOL non-polymer GLYCEROL 'C3 H8 O3'
PO4 non-polymer 'PHOSPHATE ION' 'O4 P -3'
PYR non-polymer 'PYRUVIC ACID' 'C3 H4 O3'
SAH non-polymer S-ADENOSYL-L-HOMOCYSTEINE 'C14 H20 N6 O5 S'
SF4 non-polymer 'IRON/SULFUR CLUSTER' 'Fe4 S4'
#
# COMPACT_ATOMS: atom_id res chain seq x y z
N MET A 1 -2.87 -32.70 -39.48
CA MET A 1 -2.58 -31.55 -38.55
C MET A 1 -2.29 -30.27 -39.35
N TRP A 2 -2.71 -29.17 -38.76
CA TRP A 2 -2.69 -27.86 -39.39
C TRP A 2 -1.92 -26.91 -38.45
N SER A 3 -1.68 -25.68 -38.92
CA SER A 3 -0.89 -24.68 -38.22
CA SER A 3 -0.89 -24.68 -38.22
C SER A 3 -1.71 -24.03 -37.11
N HIS A 4 -1.01 -23.33 -36.24
CA HIS A 4 -1.64 -22.66 -35.11
C HIS A 4 -1.00 -21.31 -34.89
N PRO A 5 -1.25 -20.35 -35.77
CA PRO A 5 -0.61 -19.05 -35.59
C PRO A 5 -1.26 -18.20 -34.52
N GLN A 6 -0.48 -17.29 -33.95
CA GLN A 6 -0.93 -16.36 -32.96
C GLN A 6 -1.58 -15.15 -33.61
N PHE A 7 -2.41 -14.47 -32.84
CA PHE A 7 -3.08 -13.27 -33.31
C PHE A 7 -2.17 -12.06 -33.20
N GLU A 8 -2.42 -11.08 -34.06
CA GLU A 8 -1.69 -9.83 -34.00
C GLU A 8 -1.84 -9.11 -32.66
N LYS A 9 -0.74 -8.46 -32.24
CA LYS A 9 -0.63 -7.90 -30.89
C LYS A 9 -1.55 -6.69 -30.65
N ALA A 10 -1.59 -5.72 -31.57
CA ALA A 10 -2.41 -4.54 -31.32
C ALA A 10 -3.87 -4.92 -31.22
N SER A 11 -4.34 -5.80 -32.09
CA SER A 11 -5.75 -6.14 -32.06
C SER A 11 -6.08 -6.95 -30.81
N THR A 12 -5.18 -7.88 -30.43
CA THR A 12 -5.32 -8.60 -29.15
C THR A 12 -5.37 -7.61 -27.99
N GLY A 13 -4.49 -6.63 -27.99
CA GLY A 13 -4.56 -5.58 -26.97
C GLY A 13 -5.87 -4.81 -26.98
N ARG A 14 -6.38 -4.49 -28.17
CA ARG A 14 -7.64 -3.77 -28.23
C ARG A 14 -8.78 -4.66 -27.71
N GLU A 15 -8.71 -5.94 -28.01
CA GLU A 15 -9.72 -6.87 -27.49
C GLU A 15 -9.62 -7.03 -25.98
N ILE A 16 -8.42 -7.05 -25.43
CA ILE A 16 -8.26 -7.05 -23.97
C ILE A 16 -8.86 -5.79 -23.35
N LEU A 17 -8.56 -4.62 -23.92
CA LEU A 17 -9.15 -3.37 -23.41
C LEU A 17 -10.66 -3.40 -23.45
N GLU A 18 -11.26 -3.95 -24.51
CA GLU A 18 -12.71 -4.02 -24.60
C GLU A 18 -13.27 -4.93 -23.52
N LYS A 19 -12.59 -6.06 -23.25
CA LYS A 19 -13.05 -6.95 -22.18
C LYS A 19 -12.93 -6.28 -20.81
N LEU A 20 -11.89 -5.49 -20.59
CA LEU A 20 -11.74 -4.77 -19.31
C LEU A 20 -12.83 -3.71 -19.18
N GLU A 21 -13.16 -3.02 -20.30
CA GLU A 21 -14.17 -1.98 -20.27
C GLU A 21 -15.55 -2.57 -20.03
N ARG A 22 -15.80 -3.77 -20.53
CA ARG A 22 -17.03 -4.53 -20.28
C ARG A 22 -16.96 -5.31 -18.97
N ARG A 23 -15.88 -5.20 -18.24
CA ARG A 23 -15.76 -5.80 -16.92
C ARG A 23 -15.83 -7.32 -16.96
N GLU A 24 -15.23 -7.91 -18.01
CA GLU A 24 -15.14 -9.37 -18.16
C GLU A 24 -13.76 -9.79 -17.65
N PHE A 25 -13.67 -10.00 -16.34
CA PHE A 25 -12.39 -10.09 -15.65
C PHE A 25 -11.93 -11.55 -15.50
N THR A 26 -11.82 -12.23 -16.63
CA THR A 26 -11.37 -13.60 -16.56
C THR A 26 -9.87 -13.65 -16.28
N ARG A 27 -9.42 -14.77 -15.75
CA ARG A 27 -8.00 -14.97 -15.51
CA ARG A 27 -8.00 -14.95 -15.50
C ARG A 27 -7.18 -14.75 -16.78
N GLU A 28 -7.64 -15.27 -17.92
CA GLU A 28 -6.91 -15.10 -19.16
C GLU A 28 -6.79 -13.64 -19.55
N VAL A 29 -7.84 -12.85 -19.31
CA VAL A 29 -7.80 -11.44 -19.67
C VAL A 29 -6.80 -10.72 -18.77
N LEU A 30 -6.84 -10.98 -17.47
CA LEU A 30 -5.91 -10.30 -16.55
C LEU A 30 -4.49 -10.70 -16.84
N LYS A 31 -4.25 -12.00 -17.11
CA LYS A 31 -2.90 -12.45 -17.43
C LYS A 31 -2.40 -11.75 -18.68
N GLU A 32 -3.22 -11.69 -19.71
CA GLU A 32 -2.76 -11.06 -20.93
C GLU A 32 -2.51 -9.58 -20.74
N ALA A 33 -3.38 -8.89 -20.00
CA ALA A 33 -3.11 -7.48 -19.73
C ALA A 33 -1.78 -7.28 -19.04
N LEU A 34 -1.43 -8.14 -18.07
CA LEU A 34 -0.17 -8.01 -17.39
C LEU A 34 1.00 -8.40 -18.27
N SER A 35 0.76 -9.25 -19.27
CA SER A 35 1.85 -9.81 -20.05
C SER A 35 2.23 -8.97 -21.26
N ILE A 36 1.28 -8.20 -21.81
CA ILE A 36 1.54 -7.38 -23.00
C ILE A 36 2.57 -6.33 -22.65
N ASN A 37 3.60 -6.16 -23.48
N ASN A 37 3.64 -6.27 -23.44
CA ASN A 37 4.69 -5.21 -23.20
CA ASN A 37 4.69 -5.27 -23.30
C ASN A 37 4.70 -3.94 -24.09
C ASN A 37 4.63 -4.38 -24.54
N ASP A 38 3.56 -3.57 -24.60
CA ASP A 38 3.42 -2.55 -25.65
C ASP A 38 3.06 -1.24 -24.97
N ARG A 39 3.89 -0.22 -25.19
CA ARG A 39 3.72 1.11 -24.58
C ARG A 39 2.32 1.67 -24.83
N GLY A 40 1.77 1.45 -26.03
CA GLY A 40 0.45 1.99 -26.32
C GLY A 40 -0.70 1.24 -25.68
N PHE A 41 -0.59 -0.09 -25.54
CA PHE A 41 -1.55 -0.82 -24.76
C PHE A 41 -1.50 -0.32 -23.32
N ASN A 42 -0.28 -0.23 -22.76
CA ASN A 42 -0.16 0.16 -21.34
C ASN A 42 -0.76 1.54 -21.12
N GLU A 43 -0.48 2.47 -22.03
CA GLU A 43 -1.02 3.82 -21.89
C GLU A 43 -2.55 3.81 -21.91
N ALA A 44 -3.16 3.00 -22.77
CA ALA A 44 -4.62 2.87 -22.78
C ALA A 44 -5.15 2.25 -21.50
N LEU A 45 -4.44 1.26 -20.94
CA LEU A 45 -4.82 0.69 -19.66
C LEU A 45 -4.76 1.74 -18.55
N PHE A 46 -3.67 2.53 -18.52
CA PHE A 46 -3.56 3.59 -17.52
C PHE A 46 -4.67 4.62 -17.68
N LYS A 47 -5.01 4.98 -18.91
CA LYS A 47 -6.09 5.96 -19.12
C LYS A 47 -7.45 5.41 -18.72
N LEU A 48 -7.70 4.12 -18.92
CA LEU A 48 -8.92 3.51 -18.44
C LEU A 48 -9.01 3.57 -16.93
N ALA A 49 -7.94 3.17 -16.25
CA ALA A 49 -7.92 3.23 -14.81
C ALA A 49 -8.10 4.67 -14.31
N ASP A 50 -7.42 5.61 -14.97
CA ASP A 50 -7.61 7.01 -14.58
C ASP A 50 -9.04 7.48 -14.78
N GLU A 51 -9.70 7.04 -15.84
CA GLU A 51 -11.08 7.42 -16.06
C GLU A 51 -11.95 6.89 -14.93
N ILE A 52 -11.77 5.63 -14.56
CA ILE A 52 -12.58 5.02 -13.54
C ILE A 52 -12.32 5.74 -12.22
N ARG A 53 -11.06 6.06 -11.93
CA ARG A 53 -10.72 6.83 -10.74
C ARG A 53 -11.48 8.18 -10.73
N ARG A 54 -11.40 8.92 -11.83
CA ARG A 54 -12.12 10.19 -11.89
C ARG A 54 -13.60 10.00 -11.58
N LYS A 55 -14.23 8.99 -12.15
CA LYS A 55 -15.66 8.81 -12.01
C LYS A 55 -16.08 8.39 -10.62
N TYR A 56 -15.31 7.53 -9.95
CA TYR A 56 -15.81 6.90 -8.74
C TYR A 56 -15.14 7.34 -7.46
N VAL A 57 -13.96 7.95 -7.49
CA VAL A 57 -13.36 8.57 -6.31
C VAL A 57 -13.02 10.03 -6.54
N GLY A 58 -13.18 10.57 -7.74
CA GLY A 58 -13.07 12.01 -7.90
C GLY A 58 -11.63 12.49 -7.90
N ASP A 59 -11.45 13.81 -7.71
CA ASP A 59 -10.16 14.47 -7.88
CA ASP A 59 -10.14 14.41 -7.89
C ASP A 59 -9.41 14.70 -6.59
N GLU A 60 -10.01 14.42 -5.42
CA GLU A 60 -9.30 14.61 -4.16
C GLU A 60 -8.22 13.54 -4.01
N VAL A 61 -7.03 13.97 -3.63
CA VAL A 61 -5.94 13.05 -3.25
C VAL A 61 -5.83 13.14 -1.74
N HIS A 62 -6.18 12.06 -1.05
CA HIS A 62 -6.21 12.05 0.41
C HIS A 62 -4.83 11.90 0.99
N ILE A 63 -4.51 12.67 1.98
CA ILE A 63 -3.21 12.67 2.61
C ILE A 63 -3.30 11.88 3.89
N ARG A 64 -2.46 10.85 4.04
CA ARG A 64 -2.41 10.01 5.22
C ARG A 64 -0.99 10.16 5.77
N ALA A 65 -0.79 10.86 6.88
CA ALA A 65 0.55 11.07 7.38
C ALA A 65 1.00 9.88 8.21
N ILE A 66 2.13 9.31 7.85
CA ILE A 66 2.63 8.08 8.50
C ILE A 66 3.63 8.43 9.58
N ILE A 67 3.42 7.89 10.77
CA ILE A 67 4.43 7.94 11.82
C ILE A 67 4.86 6.48 12.07
N GLU A 68 6.13 6.20 11.74
CA GLU A 68 6.72 4.86 11.86
C GLU A 68 7.39 4.84 13.21
N PHE A 69 6.66 4.42 14.23
CA PHE A 69 7.02 4.79 15.59
C PHE A 69 7.98 3.83 16.30
N SER A 70 8.18 2.65 15.71
CA SER A 70 9.17 1.69 16.21
C SER A 70 9.62 0.86 15.05
N ASN A 71 10.91 0.56 14.98
CA ASN A 71 11.44 -0.36 13.99
C ASN A 71 11.82 -1.70 14.61
N VAL A 72 11.32 -1.99 15.80
CA VAL A 72 11.55 -3.28 16.46
C VAL A 72 10.54 -4.25 15.88
N CYS A 73 11.00 -5.45 15.48
CA CYS A 73 10.10 -6.46 14.99
C CYS A 73 10.48 -7.84 15.47
N ARG A 74 9.47 -8.59 15.91
CA ARG A 74 9.63 -9.98 16.32
C ARG A 74 9.69 -10.94 15.15
N LYS A 75 9.30 -10.55 13.95
CA LYS A 75 9.29 -11.41 12.77
C LYS A 75 10.58 -11.28 11.97
N ASN A 76 10.70 -12.14 10.97
CA ASN A 76 11.97 -12.30 10.24
C ASN A 76 11.71 -12.41 8.72
N CYS A 77 10.75 -11.65 8.21
CA CYS A 77 10.43 -11.71 6.79
C CYS A 77 11.68 -11.54 5.95
N LEU A 78 11.82 -12.37 4.92
CA LEU A 78 13.08 -12.43 4.18
C LEU A 78 13.34 -11.16 3.39
N TYR A 79 12.31 -10.43 3.04
CA TYR A 79 12.45 -9.23 2.21
C TYR A 79 12.76 -7.97 3.03
N CYS A 80 12.48 -7.94 4.31
CA CYS A 80 12.35 -6.69 5.04
C CYS A 80 13.60 -6.33 5.83
N GLY A 81 14.06 -5.07 5.70
CA GLY A 81 15.20 -4.64 6.46
C GLY A 81 15.00 -4.65 7.97
N LEU A 82 13.75 -4.65 8.44
CA LEU A 82 13.50 -4.68 9.88
C LEU A 82 13.50 -6.08 10.47
N ARG A 83 13.66 -7.10 9.64
CA ARG A 83 13.65 -8.46 10.16
C ARG A 83 14.60 -8.59 11.35
N ARG A 84 14.19 -9.39 12.30
CA ARG A 84 14.93 -9.47 13.56
C ARG A 84 16.38 -9.91 13.37
N ASP A 85 16.66 -10.71 12.34
CA ASP A 85 18.04 -11.15 12.13
C ASP A 85 18.96 -10.06 11.57
N ASN A 86 18.47 -8.92 11.16
CA ASN A 86 19.33 -7.83 10.67
C ASN A 86 19.91 -7.08 11.85
N LYS A 87 21.11 -7.46 12.25
CA LYS A 87 21.76 -6.80 13.37
C LYS A 87 22.49 -5.52 12.96
N ASN A 88 22.56 -5.18 11.68
N ASN A 88 22.53 -5.20 11.65
CA ASN A 88 23.28 -3.94 11.29
CA ASN A 88 23.18 -4.01 11.09
C ASN A 88 22.48 -2.70 11.70
C ASN A 88 22.25 -2.80 11.04
N LEU A 89 21.17 -2.82 11.79
N LEU A 89 21.29 -2.71 11.94
CA LEU A 89 20.32 -1.66 11.95
CA LEU A 89 20.32 -1.62 11.95
C LEU A 89 20.23 -1.21 13.41
C LEU A 89 20.11 -1.19 13.39
N LYS A 90 20.30 0.10 13.64
CA LYS A 90 20.02 0.63 14.98
C LYS A 90 18.49 0.63 15.18
N ARG A 91 18.05 0.10 16.31
CA ARG A 91 16.63 0.03 16.62
C ARG A 91 16.22 1.18 17.53
N TYR A 92 14.96 1.56 17.39
CA TYR A 92 14.40 2.65 18.18
C TYR A 92 12.93 2.37 18.47
N ARG A 93 12.48 3.06 19.50
CA ARG A 93 11.06 3.17 19.84
C ARG A 93 10.78 4.58 20.28
N MET A 94 9.66 5.12 19.79
CA MET A 94 9.18 6.44 20.22
C MET A 94 8.29 6.31 21.45
N THR A 95 8.37 7.27 22.33
CA THR A 95 7.45 7.26 23.44
C THR A 95 6.05 7.62 22.98
N PRO A 96 5.04 7.32 23.81
CA PRO A 96 3.70 7.78 23.48
C PRO A 96 3.61 9.30 23.36
N GLU A 97 4.31 10.03 24.21
CA GLU A 97 4.30 11.49 24.11
C GLU A 97 4.88 11.95 22.79
N GLU A 98 6.01 11.37 22.38
CA GLU A 98 6.60 11.75 21.10
C GLU A 98 5.61 11.50 19.98
N ILE A 99 4.95 10.34 20.01
CA ILE A 99 4.04 9.97 18.93
C ILE A 99 2.82 10.91 18.88
N VAL A 100 2.19 11.10 20.04
CA VAL A 100 0.99 11.97 20.06
C VAL A 100 1.34 13.37 19.64
N GLU A 101 2.44 13.93 20.16
CA GLU A 101 2.77 15.31 19.77
C GLU A 101 3.15 15.44 18.32
N ARG A 102 3.80 14.43 17.77
CA ARG A 102 4.11 14.43 16.35
C ARG A 102 2.86 14.33 15.51
N ALA A 103 1.92 13.51 15.93
CA ALA A 103 0.64 13.44 15.27
C ALA A 103 -0.09 14.78 15.34
N ARG A 104 -0.07 15.44 16.49
CA ARG A 104 -0.71 16.75 16.57
C ARG A 104 -0.12 17.71 15.55
N LEU A 105 1.19 17.70 15.34
CA LEU A 105 1.80 18.58 14.37
C LEU A 105 1.34 18.25 12.97
N ALA A 106 1.24 16.97 12.62
CA ALA A 106 0.72 16.62 11.30
C ALA A 106 -0.69 17.09 11.09
N VAL A 107 -1.54 16.96 12.13
CA VAL A 107 -2.92 17.46 12.04
C VAL A 107 -2.92 18.96 11.79
N GLN A 108 -2.04 19.69 12.49
CA GLN A 108 -1.96 21.14 12.31
C GLN A 108 -1.49 21.47 10.90
N PHE A 109 -0.59 20.70 10.33
CA PHE A 109 -0.16 20.87 8.95
C PHE A 109 -1.20 20.47 7.94
N GLY A 110 -2.32 19.87 8.39
CA GLY A 110 -3.44 19.59 7.52
C GLY A 110 -3.73 18.15 7.20
N ALA A 111 -2.98 17.16 7.74
CA ALA A 111 -3.29 15.76 7.53
C ALA A 111 -4.63 15.43 8.19
N LYS A 112 -5.46 14.71 7.44
CA LYS A 112 -6.77 14.32 7.96
C LYS A 112 -6.85 12.86 8.40
N THR A 113 -5.78 12.12 8.16
CA THR A 113 -5.61 10.78 8.69
C THR A 113 -4.19 10.69 9.19
N ILE A 114 -4.03 10.06 10.35
CA ILE A 114 -2.72 9.66 10.89
C ILE A 114 -2.62 8.15 10.78
N VAL A 115 -1.52 7.69 10.22
CA VAL A 115 -1.20 6.25 10.07
C VAL A 115 -0.09 5.93 11.05
N LEU A 116 -0.35 5.01 11.97
CA LEU A 116 0.67 4.54 12.90
C LEU A 116 1.17 3.18 12.37
N GLN A 117 2.40 3.10 11.96
CA GLN A 117 2.99 1.86 11.43
C GLN A 117 4.22 1.54 12.23
N SER A 118 4.46 0.23 12.41
CA SER A 118 5.64 -0.21 13.14
C SER A 118 6.00 -1.62 12.72
N GLY A 119 7.19 -2.03 13.13
CA GLY A 119 7.46 -3.45 13.26
C GLY A 119 6.51 -4.07 14.26
N GLU A 120 6.45 -5.39 14.29
CA GLU A 120 5.66 -6.08 15.29
C GLU A 120 6.42 -6.04 16.60
N ASP A 121 6.19 -4.95 17.36
CA ASP A 121 6.95 -4.62 18.56
C ASP A 121 6.09 -4.87 19.78
N PRO A 122 6.31 -5.97 20.52
CA PRO A 122 5.44 -6.31 21.63
C PRO A 122 5.35 -5.28 22.70
N TYR A 123 6.31 -4.36 22.82
CA TYR A 123 6.25 -3.37 23.89
C TYR A 123 4.90 -2.68 23.99
N TYR A 124 4.33 -2.32 22.84
CA TYR A 124 3.19 -1.41 22.81
C TYR A 124 1.86 -2.12 22.93
N MET A 125 1.85 -3.43 22.90
CA MET A 125 0.65 -4.17 22.46
C MET A 125 -0.02 -4.81 23.67
N PRO A 126 -1.32 -4.59 23.94
CA PRO A 126 -2.23 -3.70 23.21
C PRO A 126 -2.40 -2.33 23.80
N ASP A 127 -2.08 -2.11 25.06
CA ASP A 127 -2.65 -0.99 25.78
C ASP A 127 -1.97 0.33 25.43
N VAL A 128 -0.68 0.33 25.10
CA VAL A 128 -0.03 1.58 24.76
C VAL A 128 -0.62 2.11 23.46
N ILE A 129 -0.85 1.23 22.48
CA ILE A 129 -1.52 1.64 21.24
C ILE A 129 -2.89 2.19 21.53
N SER A 130 -3.68 1.54 22.38
CA SER A 130 -5.02 2.06 22.68
C SER A 130 -4.95 3.47 23.23
N ASP A 131 -4.03 3.74 24.11
CA ASP A 131 -3.91 5.05 24.71
C ASP A 131 -3.55 6.09 23.66
N ILE A 132 -2.60 5.76 22.80
CA ILE A 132 -2.18 6.67 21.74
C ILE A 132 -3.35 6.97 20.81
N VAL A 133 -4.05 5.94 20.35
CA VAL A 133 -5.20 6.09 19.46
C VAL A 133 -6.25 6.99 20.08
N LYS A 134 -6.57 6.82 21.35
CA LYS A 134 -7.56 7.66 22.00
C LYS A 134 -7.14 9.11 21.95
N GLU A 135 -5.84 9.37 22.18
CA GLU A 135 -5.38 10.76 22.14
C GLU A 135 -5.47 11.33 20.75
N ILE A 136 -5.12 10.59 19.71
CA ILE A 136 -5.13 11.13 18.38
C ILE A 136 -6.56 11.33 17.90
N LYS A 137 -7.48 10.47 18.29
CA LYS A 137 -8.86 10.62 17.88
C LYS A 137 -9.48 11.91 18.45
N LYS A 138 -8.98 12.41 19.57
CA LYS A 138 -9.44 13.70 20.09
C LYS A 138 -9.08 14.86 19.17
N MET A 139 -8.17 14.68 18.25
CA MET A 139 -7.70 15.74 17.35
C MET A 139 -8.62 15.90 16.16
N GLY A 140 -9.65 15.07 15.99
CA GLY A 140 -10.61 15.26 14.93
C GLY A 140 -10.25 14.66 13.60
N VAL A 141 -9.38 13.67 13.58
CA VAL A 141 -8.88 13.02 12.38
C VAL A 141 -9.17 11.52 12.42
N ALA A 142 -9.01 10.88 11.28
CA ALA A 142 -9.06 9.42 11.21
C ALA A 142 -7.73 8.83 11.62
N VAL A 143 -7.79 7.62 12.16
CA VAL A 143 -6.59 6.87 12.55
C VAL A 143 -6.58 5.54 11.80
N THR A 144 -5.45 5.26 11.17
CA THR A 144 -5.16 3.98 10.52
C THR A 144 -4.02 3.33 11.26
N LEU A 145 -4.18 2.05 11.61
CA LEU A 145 -3.11 1.25 12.23
C LEU A 145 -2.51 0.32 11.20
N SER A 146 -1.20 0.09 11.31
CA SER A 146 -0.49 -0.85 10.43
C SER A 146 0.61 -1.50 11.28
N LEU A 147 0.20 -2.44 12.13
CA LEU A 147 1.05 -2.98 13.19
C LEU A 147 1.34 -4.46 13.01
N GLY A 148 0.84 -5.08 11.96
CA GLY A 148 1.07 -6.51 11.74
C GLY A 148 -0.03 -7.37 12.30
N GLU A 149 0.36 -8.63 12.56
CA GLU A 149 -0.55 -9.72 12.93
C GLU A 149 -0.61 -9.85 14.43
N TRP A 150 -1.81 -9.66 15.01
CA TRP A 150 -2.05 -9.72 16.46
C TRP A 150 -3.33 -10.48 16.72
N PRO A 151 -3.56 -10.86 17.99
CA PRO A 151 -4.80 -11.53 18.32
C PRO A 151 -6.01 -10.67 18.09
N ARG A 152 -7.13 -11.36 17.86
CA ARG A 152 -8.39 -10.66 17.70
CA ARG A 152 -8.40 -10.65 17.70
C ARG A 152 -8.67 -9.70 18.85
N GLU A 153 -8.35 -10.10 20.08
CA GLU A 153 -8.58 -9.23 21.22
C GLU A 153 -7.90 -7.89 21.09
N TYR A 154 -6.69 -7.89 20.53
CA TYR A 154 -5.97 -6.62 20.35
C TYR A 154 -6.69 -5.77 19.33
N TYR A 155 -7.04 -6.35 18.19
CA TYR A 155 -7.76 -5.59 17.17
C TYR A 155 -9.06 -5.04 17.73
N GLU A 156 -9.75 -5.81 18.57
CA GLU A 156 -10.99 -5.37 19.21
CA GLU A 156 -10.99 -5.35 19.17
C GLU A 156 -10.74 -4.18 20.11
N LYS A 157 -9.71 -4.25 20.97
CA LYS A 157 -9.39 -3.15 21.86
C LYS A 157 -9.05 -1.88 21.07
N TRP A 158 -8.34 -2.01 19.95
CA TRP A 158 -7.96 -0.83 19.19
C TRP A 158 -9.15 -0.24 18.46
N LYS A 159 -10.12 -1.05 18.07
CA LYS A 159 -11.35 -0.55 17.47
C LYS A 159 -12.15 0.22 18.52
N GLU A 160 -12.28 -0.31 19.73
CA GLU A 160 -12.98 0.39 20.78
C GLU A 160 -12.26 1.66 21.16
N ALA A 161 -10.93 1.69 21.04
CA ALA A 161 -10.16 2.91 21.29
C ALA A 161 -10.42 3.97 20.24
N GLY A 162 -10.96 3.57 19.10
CA GLY A 162 -11.34 4.55 18.08
C GLY A 162 -10.62 4.39 16.75
N ALA A 163 -9.78 3.40 16.53
CA ALA A 163 -9.13 3.26 15.25
C ALA A 163 -10.18 3.06 14.15
N ASP A 164 -9.93 3.68 13.01
CA ASP A 164 -10.84 3.64 11.89
C ASP A 164 -10.49 2.60 10.83
N ARG A 165 -9.21 2.43 10.55
CA ARG A 165 -8.73 1.63 9.44
C ARG A 165 -7.54 0.79 9.89
N TYR A 166 -7.29 -0.28 9.13
CA TYR A 166 -6.12 -1.12 9.40
C TYR A 166 -5.52 -1.53 8.07
N LEU A 167 -4.25 -1.27 7.89
CA LEU A 167 -3.52 -1.63 6.68
C LEU A 167 -2.64 -2.85 7.00
N LEU A 168 -2.98 -3.98 6.40
CA LEU A 168 -2.26 -5.25 6.58
C LEU A 168 -2.06 -5.81 5.18
N ARG A 169 -1.03 -5.29 4.49
CA ARG A 169 -0.78 -5.71 3.10
C ARG A 169 -0.63 -7.23 3.06
N HIS A 170 -1.33 -7.89 2.12
CA HIS A 170 -1.26 -9.34 2.11
C HIS A 170 0.05 -9.92 1.57
N GLU A 171 0.84 -9.10 0.89
CA GLU A 171 2.20 -9.38 0.41
C GLU A 171 2.22 -10.25 -0.83
N THR A 172 1.71 -11.46 -0.70
CA THR A 172 1.52 -12.41 -1.80
C THR A 172 0.39 -13.37 -1.43
N ALA A 173 -0.49 -13.61 -2.37
CA ALA A 173 -1.56 -14.57 -2.18
C ALA A 173 -1.12 -15.99 -2.49
N ASN A 174 0.10 -16.25 -2.90
CA ASN A 174 0.58 -17.61 -3.12
C ASN A 174 0.98 -18.18 -1.76
N PRO A 175 0.28 -19.19 -1.22
CA PRO A 175 0.58 -19.59 0.14
C PRO A 175 1.92 -20.28 0.28
N VAL A 176 2.42 -20.92 -0.77
CA VAL A 176 3.73 -21.54 -0.71
C VAL A 176 4.79 -20.46 -0.62
N LEU A 177 4.76 -19.50 -1.53
CA LEU A 177 5.71 -18.39 -1.49
C LEU A 177 5.57 -17.62 -0.20
N HIS A 178 4.33 -17.38 0.25
CA HIS A 178 4.13 -16.56 1.47
C HIS A 178 4.92 -17.13 2.63
N ARG A 179 4.83 -18.48 2.82
CA ARG A 179 5.53 -19.13 3.93
C ARG A 179 7.01 -19.11 3.73
N LYS A 180 7.50 -19.26 2.50
CA LYS A 180 8.93 -19.19 2.25
C LYS A 180 9.47 -17.81 2.61
N LEU A 181 8.72 -16.74 2.30
CA LEU A 181 9.22 -15.38 2.52
C LEU A 181 8.92 -14.86 3.92
N ARG A 182 7.98 -15.47 4.62
CA ARG A 182 7.48 -15.01 5.93
C ARG A 182 7.45 -16.24 6.84
N PRO A 183 8.63 -16.68 7.28
CA PRO A 183 8.76 -18.01 7.89
C PRO A 183 8.15 -18.11 9.25
N ASP A 184 7.72 -17.01 9.86
CA ASP A 184 7.07 -17.00 11.14
C ASP A 184 5.58 -17.28 11.04
N THR A 185 5.01 -17.24 9.84
CA THR A 185 3.56 -17.15 9.74
C THR A 185 3.10 -17.78 8.45
N SER A 186 1.94 -17.37 7.92
CA SER A 186 1.36 -18.03 6.76
C SER A 186 0.35 -17.12 6.14
N PHE A 187 0.02 -17.41 4.88
CA PHE A 187 -1.04 -16.66 4.23
C PHE A 187 -2.36 -16.87 4.96
N GLU A 188 -2.63 -18.10 5.43
CA GLU A 188 -3.85 -18.34 6.20
C GLU A 188 -3.93 -17.42 7.40
N ASN A 189 -2.84 -17.22 8.14
CA ASN A 189 -2.86 -16.31 9.27
CA ASN A 189 -2.96 -16.33 9.27
C ASN A 189 -3.17 -14.90 8.82
N ARG A 190 -2.47 -14.47 7.78
CA ARG A 190 -2.64 -13.10 7.30
C ARG A 190 -4.09 -12.86 6.88
N LEU A 191 -4.66 -13.79 6.12
CA LEU A 191 -6.05 -13.67 5.73
C LEU A 191 -7.00 -13.70 6.93
N ASN A 192 -6.76 -14.56 7.91
CA ASN A 192 -7.60 -14.56 9.09
C ASN A 192 -7.57 -13.22 9.78
N CYS A 193 -6.41 -12.58 9.86
CA CYS A 193 -6.34 -11.22 10.43
C CYS A 193 -7.17 -10.25 9.61
N LEU A 194 -7.02 -10.27 8.29
CA LEU A 194 -7.83 -9.38 7.42
C LEU A 194 -9.31 -9.63 7.60
N LEU A 195 -9.76 -10.90 7.69
CA LEU A 195 -11.18 -11.18 7.89
C LEU A 195 -11.65 -10.68 9.24
N THR A 196 -10.82 -10.82 10.28
CA THR A 196 -11.19 -10.36 11.60
C THR A 196 -11.32 -8.84 11.59
N LEU A 197 -10.36 -8.16 10.98
CA LEU A 197 -10.43 -6.70 10.92
C LEU A 197 -11.71 -6.26 10.23
N LYS A 198 -12.09 -6.90 9.13
CA LYS A 198 -13.33 -6.52 8.45
CA LYS A 198 -13.34 -6.49 8.48
C LYS A 198 -14.54 -6.77 9.37
N GLU A 199 -14.57 -7.93 10.03
CA GLU A 199 -15.69 -8.27 10.86
C GLU A 199 -15.86 -7.26 12.00
N LEU A 200 -14.75 -6.71 12.51
CA LEU A 200 -14.79 -5.72 13.57
C LEU A 200 -15.18 -4.32 13.06
N GLY A 201 -15.30 -4.15 11.78
CA GLY A 201 -15.76 -2.88 11.19
C GLY A 201 -14.66 -1.91 10.83
N TYR A 202 -13.41 -2.33 10.81
CA TYR A 202 -12.37 -1.50 10.24
C TYR A 202 -12.57 -1.36 8.74
N GLU A 203 -12.20 -0.19 8.20
CA GLU A 203 -11.82 -0.12 6.79
CA GLU A 203 -11.82 -0.11 6.80
C GLU A 203 -10.50 -0.85 6.66
N THR A 204 -10.47 -1.86 5.80
N THR A 204 -10.50 -1.92 5.88
CA THR A 204 -9.40 -2.84 5.79
CA THR A 204 -9.34 -2.79 5.84
C THR A 204 -8.61 -2.74 4.50
C THR A 204 -8.61 -2.66 4.52
N GLY A 205 -7.30 -2.66 4.64
CA GLY A 205 -6.41 -2.58 3.52
C GLY A 205 -5.54 -3.80 3.33
N ALA A 206 -5.45 -4.30 2.12
CA ALA A 206 -4.53 -5.36 1.75
C ALA A 206 -3.60 -4.85 0.68
N GLY A 207 -3.05 -5.71 -0.20
CA GLY A 207 -2.15 -5.30 -1.25
C GLY A 207 -0.88 -6.11 -1.24
N SER A 208 -0.27 -6.21 -2.38
CA SER A 208 0.90 -7.08 -2.57
C SER A 208 2.14 -6.28 -2.90
N MET A 209 3.27 -6.98 -2.87
CA MET A 209 4.50 -6.53 -3.49
C MET A 209 4.60 -7.18 -4.85
N VAL A 210 5.17 -6.46 -5.81
CA VAL A 210 5.35 -6.93 -7.18
C VAL A 210 6.81 -7.15 -7.45
N GLY A 211 7.14 -8.34 -7.94
CA GLY A 211 8.52 -8.69 -8.24
C GLY A 211 9.23 -9.44 -7.17
N LEU A 212 8.51 -10.03 -6.25
CA LEU A 212 9.16 -10.87 -5.23
C LEU A 212 9.85 -12.05 -5.90
N PRO A 213 10.93 -12.55 -5.30
CA PRO A 213 11.61 -13.72 -5.86
C PRO A 213 10.65 -14.91 -5.89
N GLY A 214 10.59 -15.58 -7.00
CA GLY A 214 9.73 -16.73 -7.20
C GLY A 214 8.30 -16.39 -7.61
N GLN A 215 7.94 -15.12 -7.71
CA GLN A 215 6.59 -14.73 -8.02
C GLN A 215 6.49 -14.61 -9.54
N THR A 216 5.41 -15.12 -10.12
CA THR A 216 5.16 -15.09 -11.55
C THR A 216 3.95 -14.23 -11.91
N ILE A 217 3.71 -14.06 -13.21
CA ILE A 217 2.54 -13.33 -13.64
C ILE A 217 1.29 -14.02 -13.16
N ASP A 218 1.27 -15.36 -13.16
CA ASP A 218 0.09 -16.03 -12.65
C ASP A 218 -0.15 -15.71 -11.17
N ASP A 219 0.91 -15.53 -10.39
CA ASP A 219 0.73 -15.14 -9.01
C ASP A 219 0.15 -13.73 -8.91
N LEU A 220 0.58 -12.81 -9.79
CA LEU A 220 0.03 -11.45 -9.77
C LEU A 220 -1.45 -11.45 -10.10
N VAL A 221 -1.86 -12.32 -11.03
CA VAL A 221 -3.27 -12.47 -11.34
C VAL A 221 -4.04 -12.96 -10.11
N ASP A 222 -3.47 -13.94 -9.38
CA ASP A 222 -4.11 -14.40 -8.17
C ASP A 222 -4.21 -13.26 -7.14
N ASP A 223 -3.19 -12.40 -7.03
CA ASP A 223 -3.30 -11.22 -6.16
C ASP A 223 -4.49 -10.35 -6.54
N LEU A 224 -4.63 -10.06 -7.84
CA LEU A 224 -5.75 -9.22 -8.29
C LEU A 224 -7.07 -9.87 -7.95
N LEU A 225 -7.21 -11.17 -8.20
CA LEU A 225 -8.48 -11.84 -7.92
C LEU A 225 -8.75 -11.94 -6.44
N PHE A 226 -7.72 -12.08 -5.62
CA PHE A 226 -7.89 -12.05 -4.17
C PHE A 226 -8.44 -10.71 -3.73
N LEU A 227 -7.87 -9.64 -4.24
CA LEU A 227 -8.31 -8.29 -3.87
C LEU A 227 -9.76 -8.09 -4.27
N LYS A 228 -10.11 -8.51 -5.47
CA LYS A 228 -11.48 -8.39 -5.95
C LYS A 228 -12.44 -9.18 -5.08
N GLU A 229 -12.07 -10.41 -4.72
CA GLU A 229 -12.93 -11.29 -3.93
C GLU A 229 -13.36 -10.63 -2.63
N HIS A 230 -12.45 -9.92 -1.98
CA HIS A 230 -12.72 -9.38 -0.66
C HIS A 230 -13.11 -7.92 -0.65
N ASP A 231 -13.11 -7.27 -1.79
CA ASP A 231 -13.66 -5.89 -1.88
C ASP A 231 -12.97 -4.99 -0.85
N PHE A 232 -11.63 -5.03 -0.79
CA PHE A 232 -10.94 -4.28 0.24
C PHE A 232 -11.16 -2.78 0.07
N ASP A 233 -11.22 -2.13 1.21
CA ASP A 233 -11.40 -0.68 1.25
C ASP A 233 -10.19 0.04 0.76
N MET A 234 -9.00 -0.49 1.03
CA MET A 234 -7.75 0.09 0.60
CA MET A 234 -7.74 0.09 0.61
C MET A 234 -6.89 -1.00 0.01
N VAL A 235 -6.05 -0.64 -0.94
CA VAL A 235 -5.09 -1.59 -1.51
C VAL A 235 -3.77 -0.89 -1.70
N GLY A 236 -2.74 -1.35 -0.99
CA GLY A 236 -1.37 -0.82 -1.06
C GLY A 236 -0.48 -1.75 -1.90
N ILE A 237 -0.03 -1.26 -3.04
CA ILE A 237 0.79 -2.03 -3.97
C ILE A 237 2.07 -1.28 -4.23
N GLY A 238 3.19 -1.99 -4.28
CA GLY A 238 4.43 -1.40 -4.66
C GLY A 238 5.39 -2.49 -5.10
N PRO A 239 6.52 -2.11 -5.66
CA PRO A 239 7.55 -3.07 -6.06
C PRO A 239 8.29 -3.57 -4.84
N PHE A 240 8.73 -4.83 -4.94
CA PHE A 240 9.73 -5.35 -4.03
C PHE A 240 11.06 -4.64 -4.32
N ILE A 241 11.69 -4.13 -3.27
CA ILE A 241 13.00 -3.48 -3.41
C ILE A 241 14.02 -4.22 -2.54
N PRO A 242 14.99 -4.92 -3.13
CA PRO A 242 15.87 -5.76 -2.32
C PRO A 242 16.67 -4.92 -1.35
N HIS A 243 16.85 -5.48 -0.15
CA HIS A 243 17.58 -4.82 0.92
C HIS A 243 18.89 -5.54 1.18
N PRO A 244 20.04 -4.85 1.22
CA PRO A 244 21.33 -5.53 1.27
C PRO A 244 21.57 -6.34 2.52
N ASP A 245 20.88 -6.08 3.62
CA ASP A 245 21.11 -6.79 4.86
C ASP A 245 20.05 -7.85 5.08
N THR A 246 19.58 -8.46 4.01
CA THR A 246 18.57 -9.51 4.05
C THR A 246 18.96 -10.65 3.14
N PRO A 247 18.32 -11.82 3.26
CA PRO A 247 18.64 -12.93 2.38
C PRO A 247 18.31 -12.70 0.93
N LEU A 248 17.48 -11.72 0.64
CA LEU A 248 17.08 -11.40 -0.73
C LEU A 248 17.89 -10.28 -1.37
N ALA A 249 19.02 -9.93 -0.76
CA ALA A 249 19.84 -8.80 -1.24
C ALA A 249 20.15 -8.83 -2.73
N ASN A 250 20.36 -9.99 -3.31
CA ASN A 250 20.87 -10.09 -4.66
C ASN A 250 19.79 -10.44 -5.67
N GLU A 251 18.54 -10.43 -5.24
CA GLU A 251 17.41 -10.76 -6.12
C GLU A 251 17.03 -9.55 -6.99
N LYS A 252 16.27 -9.84 -8.04
CA LYS A 252 15.79 -8.76 -8.91
C LYS A 252 14.86 -7.82 -8.16
N LYS A 253 15.01 -6.54 -8.48
CA LYS A 253 14.05 -5.52 -8.04
C LYS A 253 12.72 -5.67 -8.80
N GLY A 254 11.62 -5.35 -8.18
CA GLY A 254 10.34 -5.34 -8.90
C GLY A 254 10.30 -4.29 -9.99
N ASP A 255 9.54 -4.58 -11.01
CA ASP A 255 9.50 -3.71 -12.18
C ASP A 255 8.44 -2.62 -12.00
N PHE A 256 8.83 -1.37 -12.22
CA PHE A 256 7.91 -0.24 -12.07
C PHE A 256 6.70 -0.33 -12.98
N THR A 257 6.91 -0.59 -14.26
CA THR A 257 5.77 -0.63 -15.17
C THR A 257 4.78 -1.71 -14.80
N LEU A 258 5.28 -2.93 -14.51
CA LEU A 258 4.40 -4.00 -14.08
C LEU A 258 3.63 -3.60 -12.84
N THR A 259 4.29 -2.95 -11.89
CA THR A 259 3.60 -2.52 -10.67
C THR A 259 2.52 -1.50 -10.98
N LEU A 260 2.84 -0.54 -11.85
CA LEU A 260 1.84 0.44 -12.28
CA LEU A 260 1.84 0.44 -12.27
C LEU A 260 0.64 -0.23 -12.91
N LYS A 261 0.86 -1.29 -13.70
CA LYS A 261 -0.24 -2.01 -14.30
C LYS A 261 -1.08 -2.72 -13.24
N MET A 262 -0.45 -3.19 -12.18
CA MET A 262 -1.20 -3.76 -11.06
C MET A 262 -2.06 -2.72 -10.37
N VAL A 263 -1.53 -1.50 -10.15
CA VAL A 263 -2.36 -0.41 -9.59
C VAL A 263 -3.53 -0.11 -10.51
N ALA A 264 -3.26 -0.01 -11.81
CA ALA A 264 -4.32 0.32 -12.75
C ALA A 264 -5.40 -0.76 -12.73
N LEU A 265 -4.99 -2.04 -12.82
CA LEU A 265 -5.98 -3.12 -12.81
C LEU A 265 -6.73 -3.18 -11.49
N THR A 266 -6.09 -2.85 -10.39
CA THR A 266 -6.76 -2.79 -9.08
C THR A 266 -7.86 -1.74 -9.11
N ARG A 267 -7.57 -0.54 -9.65
CA ARG A 267 -8.61 0.48 -9.76
C ARG A 267 -9.74 0.01 -10.64
N ILE A 268 -9.43 -0.61 -11.79
CA ILE A 268 -10.49 -1.10 -12.66
C ILE A 268 -11.36 -2.12 -11.94
N LEU A 269 -10.73 -3.06 -11.20
CA LEU A 269 -11.48 -4.11 -10.49
C LEU A 269 -12.27 -3.56 -9.31
N LEU A 270 -11.75 -2.54 -8.64
CA LEU A 270 -12.31 -2.02 -7.37
C LEU A 270 -12.44 -0.51 -7.53
N PRO A 271 -13.48 -0.07 -8.25
CA PRO A 271 -13.54 1.34 -8.67
C PRO A 271 -13.60 2.38 -7.61
N ASP A 272 -14.17 2.08 -6.46
CA ASP A 272 -14.28 3.09 -5.41
C ASP A 272 -13.35 2.82 -4.24
N SER A 273 -12.35 1.95 -4.42
CA SER A 273 -11.36 1.72 -3.35
C SER A 273 -10.38 2.88 -3.20
N ASN A 274 -9.75 2.94 -2.06
CA ASN A 274 -8.67 3.88 -1.80
C ASN A 274 -7.34 3.22 -2.12
N ILE A 275 -6.59 3.77 -3.03
CA ILE A 275 -5.36 3.17 -3.58
C ILE A 275 -4.22 4.17 -3.43
N PRO A 276 -3.27 3.98 -2.53
CA PRO A 276 -2.13 4.90 -2.45
C PRO A 276 -1.18 4.76 -3.60
N ALA A 277 -0.51 5.85 -3.91
CA ALA A 277 0.73 5.85 -4.67
C ALA A 277 1.81 5.70 -3.61
N THR A 278 2.33 4.47 -3.47
CA THR A 278 3.11 4.11 -2.29
C THR A 278 4.51 4.73 -2.31
N THR A 279 5.08 4.76 -1.09
CA THR A 279 6.48 5.22 -0.92
C THR A 279 7.42 4.48 -1.84
N ALA A 280 7.22 3.16 -2.01
CA ALA A 280 8.11 2.38 -2.84
C ALA A 280 8.04 2.79 -4.30
N MET A 281 6.88 3.22 -4.78
CA MET A 281 6.80 3.76 -6.14
C MET A 281 7.59 5.04 -6.30
N GLY A 282 7.61 5.86 -5.25
CA GLY A 282 8.44 7.07 -5.29
C GLY A 282 9.92 6.82 -5.13
N THR A 283 10.26 5.69 -4.52
CA THR A 283 11.65 5.32 -4.34
C THR A 283 12.23 4.80 -5.63
N ILE A 284 11.47 3.98 -6.35
CA ILE A 284 12.03 3.28 -7.50
C ILE A 284 12.24 4.16 -8.70
N VAL A 285 11.41 5.17 -8.94
CA VAL A 285 11.48 6.04 -10.11
C VAL A 285 11.29 7.46 -9.62
N PRO A 286 12.09 8.43 -10.08
CA PRO A 286 11.81 9.82 -9.72
C PRO A 286 10.49 10.28 -10.28
N GLY A 287 9.63 10.77 -9.41
CA GLY A 287 8.29 11.10 -9.83
C GLY A 287 7.33 9.93 -9.85
N GLY A 288 7.71 8.79 -9.30
CA GLY A 288 6.91 7.59 -9.38
C GLY A 288 5.53 7.73 -8.77
N ARG A 289 5.44 8.46 -7.65
CA ARG A 289 4.11 8.63 -7.03
CA ARG A 289 4.11 8.62 -7.04
C ARG A 289 3.20 9.49 -7.90
N GLU A 290 3.74 10.54 -8.51
CA GLU A 290 2.96 11.40 -9.39
C GLU A 290 2.44 10.61 -10.55
N ILE A 291 3.28 9.76 -11.15
CA ILE A 291 2.86 8.92 -12.26
C ILE A 291 1.74 8.00 -11.80
N THR A 292 1.91 7.38 -10.63
CA THR A 292 0.95 6.41 -10.14
C THR A 292 -0.40 7.08 -9.87
N LEU A 293 -0.39 8.33 -9.42
CA LEU A 293 -1.64 9.08 -9.22
C LEU A 293 -2.36 9.38 -10.53
N ARG A 294 -1.71 9.25 -11.65
CA ARG A 294 -2.34 9.42 -12.96
C ARG A 294 -2.74 8.08 -13.57
N CYS A 295 -2.56 6.98 -12.85
CA CYS A 295 -2.81 5.62 -13.37
C CYS A 295 -3.75 4.88 -12.46
N GLY A 296 -4.52 5.58 -11.63
CA GLY A 296 -5.55 5.01 -10.81
C GLY A 296 -5.46 5.26 -9.34
N ALA A 297 -4.32 5.70 -8.79
CA ALA A 297 -4.23 5.95 -7.36
C ALA A 297 -4.89 7.29 -6.99
N ASN A 298 -5.27 7.39 -5.71
CA ASN A 298 -6.00 8.57 -5.22
C ASN A 298 -5.60 8.93 -3.81
N VAL A 299 -4.53 8.36 -3.27
CA VAL A 299 -4.10 8.58 -1.89
C VAL A 299 -2.59 8.75 -1.91
N ILE A 300 -2.07 9.57 -1.02
CA ILE A 300 -0.62 9.71 -0.82
C ILE A 300 -0.37 9.73 0.67
N MET A 301 0.73 9.10 1.07
CA MET A 301 1.03 8.85 2.47
CA MET A 301 1.02 8.89 2.49
C MET A 301 2.39 9.43 2.81
N PRO A 302 2.50 10.73 3.02
CA PRO A 302 3.80 11.30 3.33
C PRO A 302 4.35 10.76 4.63
N ASN A 303 5.68 10.61 4.67
N ASN A 303 5.66 10.54 4.63
CA ASN A 303 6.36 10.09 5.86
CA ASN A 303 6.34 10.15 5.83
C ASN A 303 6.60 11.20 6.86
C ASN A 303 6.42 11.31 6.79
N TRP A 304 5.97 11.09 8.01
CA TRP A 304 6.02 12.07 9.07
C TRP A 304 6.84 11.58 10.25
N THR A 305 7.62 10.54 10.09
CA THR A 305 8.46 10.09 11.19
C THR A 305 9.57 11.12 11.45
N PRO A 306 9.80 11.54 12.67
CA PRO A 306 10.78 12.59 12.90
C PRO A 306 12.21 12.08 12.92
N SER A 307 13.16 12.98 12.66
CA SER A 307 14.54 12.75 13.00
C SER A 307 14.61 12.54 14.51
N PRO A 308 15.51 11.71 15.00
CA PRO A 308 16.56 10.94 14.30
C PRO A 308 16.09 9.55 13.90
N TYR A 309 14.81 9.26 14.00
CA TYR A 309 14.28 7.93 13.77
C TYR A 309 14.02 7.65 12.34
N ARG A 310 13.66 8.66 11.54
CA ARG A 310 13.19 8.39 10.18
C ARG A 310 14.15 7.54 9.40
N GLN A 311 15.43 7.84 9.45
CA GLN A 311 16.42 7.15 8.67
C GLN A 311 16.59 5.71 9.08
N LEU A 312 16.10 5.33 10.26
CA LEU A 312 16.26 3.97 10.76
C LEU A 312 15.10 3.06 10.38
N TYR A 313 14.03 3.55 9.79
CA TYR A 313 12.91 2.70 9.40
C TYR A 313 13.16 2.18 7.99
N GLN A 314 14.20 1.34 7.93
CA GLN A 314 14.85 0.99 6.68
C GLN A 314 14.26 -0.29 6.06
N LEU A 315 12.99 -0.25 5.67
CA LEU A 315 12.33 -1.43 5.07
C LEU A 315 13.12 -1.86 3.86
N TYR A 316 13.58 -0.90 3.06
CA TYR A 316 14.32 -1.10 1.83
C TYR A 316 15.19 0.12 1.57
N PRO A 317 16.24 -0.04 0.80
CA PRO A 317 17.13 1.08 0.51
C PRO A 317 16.43 2.17 -0.28
N GLY A 318 16.86 3.39 -0.02
CA GLY A 318 16.31 4.56 -0.71
C GLY A 318 14.98 5.03 -0.20
N LYS A 319 14.41 4.37 0.81
CA LYS A 319 13.07 4.74 1.28
C LYS A 319 13.01 6.15 1.82
N ILE A 320 14.05 6.57 2.53
CA ILE A 320 14.05 7.79 3.30
C ILE A 320 14.99 8.77 2.60
N SER A 321 14.59 10.02 2.43
CA SER A 321 15.51 11.09 2.12
C SER A 321 15.78 11.90 3.37
N VAL A 322 17.04 12.23 3.57
CA VAL A 322 17.43 13.07 4.69
C VAL A 322 17.92 14.45 4.22
N PHE A 323 17.64 14.80 2.97
CA PHE A 323 18.09 16.05 2.44
C PHE A 323 17.28 17.25 2.91
N GLU A 324 16.06 17.02 3.41
CA GLU A 324 15.22 18.12 3.89
C GLU A 324 14.80 17.87 5.34
N LYS A 325 14.38 18.94 6.01
CA LYS A 325 13.85 18.83 7.37
C LYS A 325 12.65 17.90 7.44
N ASP A 326 12.44 17.26 8.62
CA ASP A 326 11.43 16.24 8.78
C ASP A 326 9.99 16.73 8.79
N THR A 327 9.77 18.03 8.63
CA THR A 327 8.42 18.57 8.46
C THR A 327 8.11 18.91 7.02
N ALA A 328 8.96 18.53 6.09
CA ALA A 328 8.77 18.99 4.72
C ALA A 328 7.75 18.17 3.97
N SER A 329 7.46 16.93 4.37
CA SER A 329 6.71 16.03 3.48
C SER A 329 5.26 16.45 3.27
N ILE A 330 4.57 16.95 4.30
CA ILE A 330 3.16 17.30 4.10
C ILE A 330 3.06 18.48 3.15
N PRO A 331 3.79 19.59 3.36
CA PRO A 331 3.74 20.67 2.34
C PRO A 331 4.18 20.19 0.98
N SER A 332 5.16 19.31 0.93
N SER A 332 5.11 19.25 0.89
CA SER A 332 5.62 18.83 -0.36
CA SER A 332 5.60 18.83 -0.42
C SER A 332 4.48 18.16 -1.11
C SER A 332 4.57 17.99 -1.18
N VAL A 333 3.80 17.19 -0.46
CA VAL A 333 2.73 16.46 -1.15
C VAL A 333 1.59 17.41 -1.49
N MET A 334 1.32 18.42 -0.68
CA MET A 334 0.29 19.38 -1.08
CA MET A 334 0.32 19.41 -1.05
C MET A 334 0.67 20.09 -2.37
N LYS A 335 1.94 20.48 -2.52
CA LYS A 335 2.38 21.12 -3.74
C LYS A 335 2.25 20.17 -4.93
N MET A 336 2.65 18.91 -4.72
CA MET A 336 2.53 17.89 -5.76
CA MET A 336 2.54 17.94 -5.79
C MET A 336 1.10 17.77 -6.24
N ILE A 337 0.17 17.70 -5.30
CA ILE A 337 -1.24 17.54 -5.63
C ILE A 337 -1.72 18.73 -6.44
N GLU A 338 -1.32 19.93 -6.04
CA GLU A 338 -1.69 21.12 -6.80
CA GLU A 338 -1.68 21.13 -6.79
C GLU A 338 -1.13 21.08 -8.20
N LEU A 339 0.15 20.71 -8.34
CA LEU A 339 0.78 20.64 -9.65
C LEU A 339 0.12 19.62 -10.56
N LEU A 340 -0.42 18.54 -10.02
CA LEU A 340 -1.17 17.57 -10.78
C LEU A 340 -2.51 18.07 -11.24
N GLY A 341 -2.94 19.20 -10.72
CA GLY A 341 -4.28 19.66 -10.96
C GLY A 341 -5.35 18.96 -10.16
N ARG A 342 -4.98 18.33 -9.04
CA ARG A 342 -5.88 17.62 -8.14
C ARG A 342 -6.17 18.51 -6.93
N LYS A 343 -6.91 18.01 -5.98
CA LYS A 343 -7.23 18.74 -4.78
C LYS A 343 -6.91 17.90 -3.56
N PRO A 344 -6.51 18.46 -2.42
CA PRO A 344 -6.42 17.64 -1.20
C PRO A 344 -7.82 17.27 -0.71
N GLY A 345 -7.89 16.19 0.05
CA GLY A 345 -9.16 15.74 0.56
C GLY A 345 -9.78 16.75 1.50
N ARG A 346 -11.11 16.83 1.43
CA ARG A 346 -11.88 17.78 2.23
C ARG A 346 -12.40 17.20 3.52
N ASP A 347 -12.47 15.88 3.61
CA ASP A 347 -12.93 15.17 4.79
C ASP A 347 -11.89 14.08 5.05
N TRP A 348 -12.28 13.04 5.80
CA TRP A 348 -11.32 11.99 6.13
C TRP A 348 -11.03 11.05 4.97
N GLY A 349 -11.75 11.12 3.87
CA GLY A 349 -11.46 10.27 2.72
C GLY A 349 -11.73 8.81 3.01
N GLY A 350 -12.75 8.47 3.78
CA GLY A 350 -13.10 7.07 3.97
C GLY A 350 -13.65 6.46 2.71
N ARG A 351 -13.47 5.15 2.55
CA ARG A 351 -13.99 4.50 1.37
C ARG A 351 -15.50 4.58 1.33
N LYS A 352 -16.02 4.93 0.16
CA LYS A 352 -17.47 5.01 -0.06
C LYS A 352 -17.88 3.94 -1.07
N ARG A 353 -19.18 3.68 -1.14
CA ARG A 353 -19.73 2.70 -2.06
C ARG A 353 -20.59 3.44 -3.06
N VAL A 354 -19.97 3.84 -4.18
CA VAL A 354 -20.65 4.58 -5.23
C VAL A 354 -20.66 3.85 -6.55
N PHE A 355 -19.93 2.73 -6.66
CA PHE A 355 -19.91 1.91 -7.86
C PHE A 355 -20.94 0.78 -7.71
N THR A 356 -21.80 0.66 -8.72
CA THR A 356 -22.94 -0.28 -8.68
C THR A 356 -23.61 -0.35 -7.30
N CYS B . 4.77 3.03 3.16
CA CYS B . 5.74 1.95 2.84
C CYS B . 5.47 1.68 1.39
O CYS B . 6.38 1.32 0.63
CB CYS B . 5.39 0.71 3.66
SG CYS B . 3.59 0.32 3.52
OXT CYS B . 4.26 1.78 1.01
HA CYS B . 6.66 2.17 3.02
HB2 CYS B . 5.90 -0.05 3.32
HB3 CYS B . 5.60 0.87 4.59
FE FE2 C . 2.95 2.32 2.57
C CMO D . 2.04 2.79 4.05
O CMO D . 1.46 3.09 5.00
C CMO E . 1.51 1.55 1.84
O CMO E . 0.56 1.06 1.36
C CYN F . 2.72 3.77 1.67
N CYN F . 2.56 4.79 1.04
C PYR G . 16.99 -17.65 -0.89
O PYR G . 17.82 -17.52 -1.91
OXT PYR G . 17.39 -17.27 0.29
CA PYR G . 15.70 -18.18 -1.08
O3 PYR G . 15.01 -18.61 -0.04
CB PYR G . 15.06 -18.25 -2.43
HB1 PYR G . 15.36 -19.17 -2.92
HB2 PYR G . 13.97 -18.23 -2.32
HB3 PYR G . 15.39 -17.40 -3.02
C1 GOL H . -15.36 12.08 6.22
O1 GOL H . -15.34 10.72 6.02
C2 GOL H . -16.27 12.42 7.37
O2 GOL H . -16.34 13.83 7.59
C3 GOL H . -15.66 11.72 8.60
O3 GOL H . -16.01 12.53 9.68
H11 GOL H . -15.66 12.56 5.43
H12 GOL H . -14.47 12.44 6.42
H2 GOL H . -17.17 12.11 7.18
HO2 GOL H . -16.44 13.96 8.42
H31 GOL H . -14.70 11.61 8.47
H32 GOL H . -16.01 10.82 8.65
N SAH I . 5.03 -4.99 10.30
CA SAH I . 3.84 -4.46 9.60
CB SAH I . 4.01 -3.05 9.10
CG SAH I . 5.38 -2.61 8.70
SD SAH I . 6.04 -3.35 7.21
C SAH I . 3.43 -5.43 8.51
O SAH I . 2.31 -5.43 8.08
OXT SAH I . 4.34 -6.29 8.18
C5' SAH I . 5.09 -2.41 5.97
C4' SAH I . 5.16 -2.99 4.56
O4' SAH I . 6.42 -2.74 3.99
C3' SAH I . 4.95 -4.47 4.37
O3' SAH I . 3.56 -4.75 4.38
C2' SAH I . 5.58 -4.70 2.99
O2' SAH I . 4.63 -4.72 1.95
C1' SAH I . 6.51 -3.49 2.80
N9 SAH I . 7.94 -3.86 2.62
C8 SAH I . 8.74 -4.54 3.54
N7 SAH I . 9.89 -4.80 2.97
C5 SAH I . 9.85 -4.36 1.67
C6 SAH I . 10.74 -4.39 0.61
N6 SAH I . 11.97 -4.94 0.70
N1 SAH I . 10.35 -3.85 -0.56
C2 SAH I . 9.16 -3.27 -0.69
N3 SAH I . 8.25 -3.20 0.30
C4 SAH I . 8.60 -3.77 1.48
HN1 SAH I . 5.21 -4.57 11.02
HN2 SAH I . 4.92 -5.77 10.67
HA SAH I . 3.11 -4.37 10.25
HB1 SAH I . 3.66 -2.38 9.88
HB2 SAH I . 3.36 -2.94 8.24
HG1 SAH I . 6.05 -2.82 9.52
HG2 SAH I . 5.35 -1.52 8.55
H5'1 SAH I . 5.47 -1.39 5.95
H5'2 SAH I . 4.05 -2.38 6.28
H4' SAH I . 4.33 -2.47 4.10
H3' SAH I . 5.38 -5.10 5.15
HO3' SAH I . 3.29 -5.10 3.50
H2' SAH I . 6.08 -5.67 2.93
HO2' SAH I . 4.87 -4.05 1.27
H1' SAH I . 6.20 -2.95 1.91
H8 SAH I . 8.46 -4.81 4.56
HN61 SAH I . 12.27 -5.35 1.58
HN62 SAH I . 12.58 -4.94 -0.11
H2 SAH I . 8.89 -2.82 -1.65
P PO4 J . -17.78 -5.72 -11.12
O1 PO4 J . -17.10 -7.06 -11.35
O2 PO4 J . -16.84 -4.78 -10.42
O3 PO4 J . -19.00 -5.93 -10.26
O4 PO4 J . -18.22 -5.15 -12.46
P PO4 K . 8.21 10.57 1.81
O1 PO4 K . 7.88 9.14 1.84
O2 PO4 K . 8.60 11.02 0.43
O3 PO4 K . 9.50 10.74 2.61
O4 PO4 K . 7.24 11.48 2.33
P PO4 L . 1.67 8.63 -17.65
P PO4 L . -0.83 8.50 -18.90
O1 PO4 L . 2.80 7.69 -18.06
O1 PO4 L . 0.45 8.99 -19.55
O2 PO4 L . 2.02 9.47 -16.40
O2 PO4 L . -0.63 8.53 -17.40
O3 PO4 L . 1.30 9.59 -18.75
O3 PO4 L . -1.97 9.45 -19.24
O4 PO4 L . 0.44 7.80 -17.36
O4 PO4 L . -1.11 7.10 -19.40
P PO4 M . 19.71 3.92 2.02
O1 PO4 M . 19.85 2.64 1.27
O2 PO4 M . 20.99 4.72 1.83
O3 PO4 M . 19.46 3.69 3.49
O4 PO4 M . 18.63 4.76 1.46
P PO4 N . -10.80 -18.48 -14.28
O1 PO4 N . -10.03 -18.92 -13.06
O2 PO4 N . -10.17 -19.07 -15.52
O3 PO4 N . -10.90 -16.95 -14.42
O4 PO4 N . -12.21 -18.96 -14.16
CL CL O . -5.53 5.30 5.41
FE1 SF4 P . 9.17 -6.20 8.25
FE2 SF4 P . 8.43 -7.17 10.64
FE3 SF4 P . 7.85 -8.58 8.41
FE4 SF4 P . 6.39 -6.13 8.93
S1 SF4 P . 6.43 -8.21 10.10
S2 SF4 P . 7.40 -6.84 6.94
S3 SF4 P . 8.25 -5.02 9.90
S4 SF4 P . 9.96 -8.13 9.28
#